data_6NQI
#
_entry.id   6NQI
#
_cell.length_a   56.516
_cell.length_b   67.508
_cell.length_c   58.859
_cell.angle_alpha   90.000
_cell.angle_beta   101.640
_cell.angle_gamma   90.000
#
_symmetry.space_group_name_H-M   'P 1 21 1'
#
loop_
_entity.id
_entity.type
_entity.pdbx_description
1 polymer 'Pre-mRNA splicing factor PRP8'
2 non-polymer BETA-MERCAPTOETHANOL
#
_entity_poly.entity_id   1
_entity_poly.type   'polypeptide(L)'
_entity_poly.pdbx_seq_one_letter_code
;GCGGDLWRQRLWIVDDRTAYRPHANGVIWIWETSTGRLFVKIVHRTTWAGQTRRAQLAKWKCAEHVLTMLRSQPTEELPR
GIVLAQTASMDPLKTLLAGTEYAKIPVRAGAAAMPLQALMALPEIRDRTQTARSSELSIWSGYADWLEHVPVWIASARFL
LLLHALDRAPERVLQLVWPQRSADEESAGSATPWLWPALPETDWRRLELELQSLVPVR
;
_entity_poly.pdbx_strand_id   A,B
#
loop_
_chem_comp.id
_chem_comp.type
_chem_comp.name
_chem_comp.formula
BME non-polymer BETA-MERCAPTOETHANOL 'C2 H6 O S'
#
# COMPACT_ATOMS: atom_id res chain seq x y z
N GLY A 4 -1.74 2.85 -10.82
CA GLY A 4 -1.99 3.28 -9.46
C GLY A 4 -1.59 2.24 -8.43
N ASP A 5 -0.35 1.75 -8.54
CA ASP A 5 0.15 0.64 -7.74
C ASP A 5 1.30 1.02 -6.83
N LEU A 6 1.57 2.32 -6.71
CA LEU A 6 2.55 2.81 -5.76
C LEU A 6 2.11 2.63 -4.31
N TRP A 7 0.82 2.38 -4.06
CA TRP A 7 0.39 2.08 -2.69
C TRP A 7 0.69 0.63 -2.28
N ARG A 8 1.16 -0.22 -3.20
CA ARG A 8 1.42 -1.62 -2.87
C ARG A 8 2.45 -1.78 -1.76
N GLN A 9 3.66 -1.34 -2.01
CA GLN A 9 4.80 -1.50 -1.11
C GLN A 9 5.37 -0.16 -0.71
N ARG A 10 6.38 -0.22 0.15
CA ARG A 10 7.16 0.95 0.56
C ARG A 10 8.19 1.20 -0.53
N LEU A 11 7.90 2.14 -1.44
CA LEU A 11 8.79 2.61 -2.50
C LEU A 11 9.35 4.01 -2.17
N TRP A 12 10.51 4.35 -2.78
CA TRP A 12 11.09 5.69 -2.70
C TRP A 12 11.16 6.28 -4.09
N ILE A 13 10.38 7.32 -4.35
CA ILE A 13 10.46 8.06 -5.60
C ILE A 13 11.45 9.22 -5.39
N VAL A 14 12.55 9.22 -6.15
CA VAL A 14 13.59 10.21 -5.99
C VAL A 14 13.62 11.11 -7.22
N ASP A 15 13.52 12.42 -6.99
CA ASP A 15 13.46 13.42 -8.05
C ASP A 15 14.47 14.51 -7.72
N ASP A 16 15.51 14.63 -8.53
CA ASP A 16 16.53 15.65 -8.29
C ASP A 16 16.55 16.72 -9.37
N ARG A 17 15.54 16.74 -10.24
CA ARG A 17 15.48 17.67 -11.36
C ARG A 17 15.50 19.14 -10.95
N THR A 18 15.37 19.44 -9.66
CA THR A 18 15.53 20.79 -9.12
C THR A 18 16.71 20.85 -8.16
N ALA A 19 17.79 20.15 -8.47
CA ALA A 19 18.95 20.24 -7.60
C ALA A 19 19.75 21.50 -7.89
N TYR A 20 19.80 21.90 -9.16
CA TYR A 20 20.33 23.20 -9.55
C TYR A 20 19.19 24.09 -10.01
N ARG A 21 19.01 25.22 -9.33
CA ARG A 21 18.09 26.25 -9.83
C ARG A 21 18.90 27.53 -10.00
N PRO A 22 18.83 28.19 -11.17
CA PRO A 22 19.68 29.36 -11.41
C PRO A 22 19.62 30.36 -10.27
N HIS A 23 20.78 30.63 -9.66
CA HIS A 23 20.92 31.63 -8.59
C HIS A 23 19.95 31.39 -7.43
N ALA A 24 19.73 30.14 -7.08
CA ALA A 24 18.91 29.83 -5.91
C ALA A 24 19.26 28.45 -5.42
N ASN A 25 19.04 28.22 -4.12
CA ASN A 25 19.17 26.86 -3.59
C ASN A 25 18.19 25.93 -4.29
N GLY A 26 18.68 24.76 -4.68
CA GLY A 26 17.86 23.70 -5.23
C GLY A 26 17.29 22.78 -4.16
N VAL A 27 16.64 21.70 -4.62
CA VAL A 27 16.01 20.71 -3.73
C VAL A 27 16.09 19.34 -4.40
N ILE A 28 16.29 18.30 -3.59
CA ILE A 28 16.09 16.91 -4.00
C ILE A 28 14.93 16.32 -3.20
N TRP A 29 13.96 15.75 -3.89
CA TRP A 29 12.77 15.18 -3.23
C TRP A 29 12.82 13.67 -3.15
N ILE A 30 12.37 13.11 -2.03
CA ILE A 30 12.11 11.67 -1.90
C ILE A 30 10.70 11.47 -1.34
N TRP A 31 9.81 10.92 -2.14
CA TRP A 31 8.44 10.58 -1.74
C TRP A 31 8.41 9.11 -1.37
N GLU A 32 8.01 8.82 -0.13
CA GLU A 32 7.79 7.45 0.32
C GLU A 32 6.31 7.10 0.10
N THR A 33 6.06 6.27 -0.92
CA THR A 33 4.69 6.07 -1.42
C THR A 33 3.76 5.47 -0.39
N SER A 34 4.21 4.41 0.31
CA SER A 34 3.31 3.69 1.22
C SER A 34 2.84 4.56 2.36
N THR A 35 3.69 5.45 2.85
CA THR A 35 3.38 6.23 4.05
C THR A 35 3.07 7.69 3.79
N GLY A 36 3.58 8.26 2.70
CA GLY A 36 3.43 9.65 2.41
C GLY A 36 4.57 10.48 2.90
N ARG A 37 5.60 9.86 3.45
CA ARG A 37 6.65 10.62 4.10
C ARG A 37 7.48 11.28 3.02
N LEU A 38 7.77 12.57 3.16
CA LEU A 38 8.49 13.33 2.15
C LEU A 38 9.81 13.84 2.70
N PHE A 39 10.93 13.49 2.05
CA PHE A 39 12.27 13.97 2.39
C PHE A 39 12.64 15.11 1.46
N VAL A 40 12.67 16.33 1.99
CA VAL A 40 13.13 17.50 1.27
C VAL A 40 14.58 17.73 1.65
N LYS A 41 15.47 17.62 0.68
CA LYS A 41 16.88 17.90 0.89
C LYS A 41 17.21 19.18 0.14
N ILE A 42 17.40 20.28 0.86
CA ILE A 42 17.75 21.55 0.23
C ILE A 42 19.22 21.52 -0.17
N VAL A 43 19.50 21.72 -1.45
CA VAL A 43 20.86 21.76 -2.01
C VAL A 43 21.30 23.23 -2.08
N HIS A 44 22.27 23.61 -1.24
CA HIS A 44 22.66 25.00 -1.16
C HIS A 44 23.41 25.46 -2.42
N ARG A 45 23.33 26.76 -2.69
CA ARG A 45 23.99 27.30 -3.88
C ARG A 45 25.49 27.12 -3.86
N THR A 46 26.12 27.02 -2.69
CA THR A 46 27.58 26.93 -2.69
C THR A 46 28.04 25.67 -3.39
N THR A 47 27.17 24.65 -3.42
CA THR A 47 27.43 23.43 -4.18
C THR A 47 27.94 23.75 -5.58
N TRP A 48 27.28 24.69 -6.25
CA TRP A 48 27.58 24.93 -7.65
C TRP A 48 28.66 25.98 -7.87
N ALA A 49 29.10 26.69 -6.83
CA ALA A 49 30.11 27.72 -7.01
C ALA A 49 31.35 27.11 -7.66
N GLY A 50 31.80 27.74 -8.75
CA GLY A 50 33.00 27.28 -9.41
C GLY A 50 32.90 25.92 -10.08
N GLN A 51 31.70 25.40 -10.32
CA GLN A 51 31.58 24.05 -10.85
C GLN A 51 31.66 24.04 -12.38
N THR A 52 31.69 22.84 -12.96
CA THR A 52 31.91 22.73 -14.41
C THR A 52 30.83 21.94 -15.13
N ARG A 53 30.30 20.87 -14.56
CA ARG A 53 29.23 20.11 -15.21
C ARG A 53 28.14 19.85 -14.20
N ARG A 54 26.94 20.40 -14.46
CA ARG A 54 25.85 20.29 -13.49
C ARG A 54 25.35 18.85 -13.38
N ALA A 55 25.29 18.12 -14.50
CA ALA A 55 24.85 16.74 -14.45
C ALA A 55 25.85 15.86 -13.71
N GLN A 56 27.15 16.03 -14.01
CA GLN A 56 28.19 15.27 -13.31
C GLN A 56 28.09 15.42 -11.80
N LEU A 57 27.95 16.65 -11.32
CA LEU A 57 27.86 16.84 -9.87
C LEU A 57 26.53 16.35 -9.31
N ALA A 58 25.42 16.70 -9.99
CA ALA A 58 24.08 16.44 -9.48
C ALA A 58 23.80 14.94 -9.35
N LYS A 59 24.16 14.17 -10.38
CA LYS A 59 23.88 12.74 -10.33
C LYS A 59 24.58 12.10 -9.14
N TRP A 60 25.82 12.50 -8.85
CA TRP A 60 26.56 11.88 -7.77
C TRP A 60 26.08 12.36 -6.41
N LYS A 61 25.76 13.66 -6.28
CA LYS A 61 25.18 14.13 -5.02
C LYS A 61 23.83 13.48 -4.74
N CYS A 62 23.02 13.25 -5.77
CA CYS A 62 21.76 12.56 -5.54
C CYS A 62 21.99 11.12 -5.09
N ALA A 63 22.92 10.41 -5.75
CA ALA A 63 23.24 9.03 -5.34
C ALA A 63 23.73 9.00 -3.90
N GLU A 64 24.63 9.92 -3.53
CA GLU A 64 25.15 9.94 -2.17
C GLU A 64 24.04 10.27 -1.17
N HIS A 65 23.11 11.15 -1.54
CA HIS A 65 22.01 11.49 -0.66
C HIS A 65 21.10 10.30 -0.39
N VAL A 66 20.72 9.58 -1.46
CA VAL A 66 19.93 8.36 -1.30
C VAL A 66 20.65 7.37 -0.40
N LEU A 67 21.95 7.18 -0.61
CA LEU A 67 22.68 6.29 0.28
C LEU A 67 22.59 6.76 1.73
N THR A 68 22.67 8.08 1.97
CA THR A 68 22.60 8.57 3.35
C THR A 68 21.22 8.34 3.97
N MET A 69 20.16 8.61 3.19
CA MET A 69 18.82 8.37 3.71
C MET A 69 18.58 6.89 3.98
N LEU A 70 19.16 6.01 3.15
CA LEU A 70 19.09 4.59 3.45
C LEU A 70 19.75 4.29 4.78
N ARG A 71 20.97 4.81 4.96
CA ARG A 71 21.72 4.54 6.17
C ARG A 71 20.99 5.01 7.43
N SER A 72 20.16 6.03 7.31
CA SER A 72 19.46 6.53 8.51
C SER A 72 18.17 5.78 8.84
N GLN A 73 17.75 4.76 8.04
CA GLN A 73 16.51 4.02 8.21
C GLN A 73 16.71 2.71 8.96
N PRO A 74 15.75 2.32 9.79
CA PRO A 74 15.77 0.95 10.34
C PRO A 74 15.51 -0.07 9.25
N THR A 75 15.94 -1.31 9.50
CA THR A 75 15.78 -2.34 8.49
C THR A 75 14.31 -2.62 8.17
N GLU A 76 13.41 -2.52 9.16
CA GLU A 76 11.99 -2.68 8.88
C GLU A 76 11.39 -1.52 8.08
N GLU A 77 12.08 -0.39 7.96
CA GLU A 77 11.51 0.73 7.22
C GLU A 77 12.28 1.03 5.93
N LEU A 78 13.11 0.11 5.49
CA LEU A 78 13.83 0.29 4.24
C LEU A 78 12.86 0.15 3.07
N PRO A 79 13.03 0.91 2.01
CA PRO A 79 12.12 0.77 0.88
C PRO A 79 12.30 -0.57 0.18
N ARG A 80 11.20 -1.09 -0.33
CA ARG A 80 11.24 -2.30 -1.15
C ARG A 80 11.64 -2.03 -2.58
N GLY A 81 11.68 -0.76 -2.99
CA GLY A 81 12.17 -0.36 -4.30
C GLY A 81 12.53 1.12 -4.29
N ILE A 82 13.40 1.50 -5.22
CA ILE A 82 13.84 2.88 -5.39
C ILE A 82 13.59 3.26 -6.84
N VAL A 83 12.85 4.33 -7.07
CA VAL A 83 12.53 4.77 -8.43
C VAL A 83 13.13 6.16 -8.64
N LEU A 84 14.03 6.27 -9.61
CA LEU A 84 14.72 7.52 -9.92
C LEU A 84 14.03 8.22 -11.06
N ALA A 85 13.86 9.54 -10.91
CA ALA A 85 13.25 10.31 -11.97
C ALA A 85 14.20 10.47 -13.15
N GLN A 86 15.50 10.57 -12.88
CA GLN A 86 16.51 10.74 -13.94
C GLN A 86 17.43 9.53 -14.02
N THR A 87 17.56 8.96 -15.21
CA THR A 87 18.28 7.71 -15.35
C THR A 87 19.78 7.91 -15.17
N ALA A 88 20.25 9.15 -15.27
CA ALA A 88 21.68 9.43 -15.18
C ALA A 88 22.26 9.05 -13.84
N SER A 89 21.43 9.01 -12.80
CA SER A 89 21.87 8.63 -11.47
C SER A 89 21.58 7.17 -11.16
N MET A 90 21.20 6.38 -12.17
CA MET A 90 20.98 4.96 -11.94
C MET A 90 22.30 4.23 -11.78
N ASP A 91 23.25 4.50 -12.67
CA ASP A 91 24.60 3.95 -12.51
C ASP A 91 25.30 4.45 -11.25
N PRO A 92 25.37 5.77 -10.98
CA PRO A 92 26.05 6.23 -9.75
C PRO A 92 25.47 5.63 -8.48
N LEU A 93 24.14 5.65 -8.35
CA LEU A 93 23.52 5.02 -7.18
C LEU A 93 23.95 3.57 -7.01
N LYS A 94 23.80 2.76 -8.05
CA LYS A 94 24.26 1.38 -7.94
C LYS A 94 25.71 1.32 -7.46
N THR A 95 26.58 2.19 -7.99
CA THR A 95 27.99 2.14 -7.59
C THR A 95 28.14 2.42 -6.09
N LEU A 96 27.40 3.39 -5.56
CA LEU A 96 27.55 3.69 -4.14
C LEU A 96 26.89 2.65 -3.25
N LEU A 97 26.01 1.79 -3.80
CA LEU A 97 25.34 0.78 -2.99
C LEU A 97 26.03 -0.57 -3.06
N ALA A 98 26.92 -0.75 -4.04
CA ALA A 98 27.69 -1.96 -4.15
C ALA A 98 28.43 -2.24 -2.84
N GLY A 99 28.47 -3.51 -2.45
CA GLY A 99 29.15 -3.91 -1.24
C GLY A 99 28.43 -3.60 0.07
N THR A 100 27.24 -2.99 0.02
CA THR A 100 26.48 -2.62 1.20
C THR A 100 25.22 -3.47 1.35
N GLU A 101 24.63 -3.38 2.55
CA GLU A 101 23.39 -4.10 2.86
C GLU A 101 22.22 -3.63 2.02
N TYR A 102 22.36 -2.49 1.33
CA TYR A 102 21.31 -1.93 0.50
C TYR A 102 21.44 -2.35 -0.95
N ALA A 103 22.48 -3.13 -1.27
CA ALA A 103 22.49 -3.73 -2.59
C ALA A 103 21.35 -4.75 -2.62
N LYS A 104 20.92 -5.08 -3.83
CA LYS A 104 19.80 -5.99 -4.07
C LYS A 104 18.47 -5.40 -3.60
N ILE A 105 18.46 -4.08 -3.39
CA ILE A 105 17.25 -3.28 -3.38
C ILE A 105 17.04 -2.80 -4.82
N PRO A 106 16.00 -3.25 -5.50
CA PRO A 106 15.85 -2.90 -6.91
C PRO A 106 15.81 -1.40 -7.11
N VAL A 107 16.57 -0.94 -8.09
CA VAL A 107 16.65 0.45 -8.47
C VAL A 107 16.15 0.55 -9.90
N ARG A 108 15.19 1.43 -10.12
CA ARG A 108 14.45 1.50 -11.37
C ARG A 108 14.34 2.96 -11.80
N ALA A 109 14.18 3.17 -13.09
CA ALA A 109 13.96 4.49 -13.66
C ALA A 109 12.47 4.68 -13.88
N GLY A 110 12.13 5.72 -14.64
CA GLY A 110 10.76 5.94 -15.05
C GLY A 110 9.90 6.75 -14.11
N ALA A 111 10.50 7.42 -13.11
CA ALA A 111 9.67 8.32 -12.30
C ALA A 111 9.45 9.65 -13.00
N ALA A 112 10.08 9.85 -14.16
CA ALA A 112 9.95 11.09 -14.90
C ALA A 112 8.50 11.46 -15.15
N ALA A 113 7.68 10.46 -15.48
CA ALA A 113 6.25 10.67 -15.69
C ALA A 113 5.59 11.35 -14.49
N MET A 114 6.25 11.37 -13.33
CA MET A 114 5.66 11.95 -12.13
C MET A 114 6.32 13.26 -11.76
N PRO A 115 5.62 14.41 -11.91
CA PRO A 115 6.23 15.72 -11.64
C PRO A 115 6.26 16.04 -10.16
N LEU A 116 7.08 15.27 -9.43
CA LEU A 116 7.27 15.48 -8.01
C LEU A 116 7.98 16.80 -7.74
N GLN A 117 8.87 17.22 -8.65
CA GLN A 117 9.58 18.50 -8.49
C GLN A 117 8.60 19.67 -8.43
N ALA A 118 7.37 19.50 -8.95
CA ALA A 118 6.39 20.58 -8.90
C ALA A 118 6.09 21.01 -7.47
N LEU A 119 6.47 20.21 -6.47
CA LEU A 119 6.27 20.67 -5.09
C LEU A 119 7.03 21.96 -4.80
N MET A 120 8.01 22.30 -5.65
CA MET A 120 8.72 23.56 -5.52
C MET A 120 7.78 24.75 -5.50
N ALA A 121 6.54 24.55 -5.93
CA ALA A 121 5.52 25.58 -5.97
C ALA A 121 4.78 25.79 -4.64
N LEU A 122 4.95 24.91 -3.66
CA LEU A 122 4.25 25.12 -2.39
C LEU A 122 4.99 26.23 -1.62
N PRO A 123 4.28 27.26 -1.14
CA PRO A 123 4.99 28.41 -0.56
C PRO A 123 5.77 28.08 0.71
N GLU A 124 5.29 27.15 1.53
CA GLU A 124 6.01 26.78 2.74
C GLU A 124 7.39 26.21 2.40
N ILE A 125 7.45 25.34 1.38
CA ILE A 125 8.69 24.71 0.95
C ILE A 125 9.59 25.72 0.27
N ARG A 126 9.05 26.48 -0.66
CA ARG A 126 9.84 27.48 -1.36
C ARG A 126 10.48 28.44 -0.36
N ASP A 127 9.70 28.87 0.65
CA ASP A 127 10.17 29.82 1.64
C ASP A 127 11.20 29.20 2.59
N ARG A 128 11.00 27.95 3.02
CA ARG A 128 12.04 27.33 3.82
C ARG A 128 13.30 27.10 2.98
N THR A 129 13.13 26.93 1.67
CA THR A 129 14.26 26.59 0.81
C THR A 129 15.16 27.78 0.57
N GLN A 130 14.60 28.92 0.13
CA GLN A 130 15.47 30.05 -0.20
C GLN A 130 16.22 30.59 1.01
N THR A 131 15.56 30.63 2.16
CA THR A 131 16.18 31.16 3.37
C THR A 131 17.17 30.21 4.02
N ALA A 132 17.35 29.01 3.48
CA ALA A 132 18.27 28.04 4.07
C ALA A 132 19.71 28.53 4.00
N ARG A 133 20.50 28.19 5.01
CA ARG A 133 21.91 28.55 5.07
C ARG A 133 22.84 27.36 4.94
N SER A 134 22.35 26.15 5.20
CA SER A 134 23.07 24.89 5.01
C SER A 134 22.27 24.04 4.03
N SER A 135 22.79 22.84 3.70
CA SER A 135 22.05 21.94 2.81
C SER A 135 21.10 21.09 3.64
N GLU A 136 20.02 21.73 4.07
CA GLU A 136 19.19 21.23 5.16
C GLU A 136 18.25 20.12 4.72
N LEU A 137 18.12 19.11 5.58
CA LEU A 137 17.13 18.05 5.41
C LEU A 137 15.93 18.34 6.31
N SER A 138 14.74 18.28 5.73
CA SER A 138 13.48 18.31 6.47
C SER A 138 12.57 17.19 5.98
N ILE A 139 11.69 16.72 6.87
CA ILE A 139 10.78 15.62 6.55
C ILE A 139 9.35 16.09 6.80
N TRP A 140 8.50 15.97 5.78
CA TRP A 140 7.11 16.38 5.82
C TRP A 140 6.23 15.16 5.68
N SER A 141 4.98 15.25 6.11
CA SER A 141 4.03 14.16 5.89
C SER A 141 3.19 14.51 4.66
N GLY A 142 3.47 13.87 3.55
CA GLY A 142 2.77 14.17 2.31
C GLY A 142 1.33 13.70 2.22
N TYR A 143 0.88 12.87 3.16
CA TYR A 143 -0.51 12.40 3.18
C TYR A 143 -1.31 13.04 4.32
N ALA A 144 -0.74 14.05 4.99
CA ALA A 144 -1.48 14.79 6.00
C ALA A 144 -2.06 13.80 7.00
N ASP A 145 -3.40 13.80 7.07
CA ASP A 145 -4.19 12.86 7.85
C ASP A 145 -5.12 12.05 6.96
N TRP A 146 -4.77 11.88 5.68
CA TRP A 146 -5.69 11.19 4.77
C TRP A 146 -5.90 9.73 5.19
N LEU A 147 -4.83 9.06 5.64
CA LEU A 147 -4.96 7.66 6.05
C LEU A 147 -5.95 7.48 7.20
N GLU A 148 -6.45 8.58 7.77
CA GLU A 148 -7.54 8.48 8.74
C GLU A 148 -8.87 8.14 8.08
N HIS A 149 -9.07 8.58 6.85
CA HIS A 149 -10.38 8.57 6.21
C HIS A 149 -10.42 7.87 4.87
N VAL A 150 -9.29 7.67 4.19
CA VAL A 150 -9.29 7.02 2.89
C VAL A 150 -8.33 5.85 2.97
N PRO A 151 -8.46 4.90 2.06
CA PRO A 151 -7.45 3.84 1.96
C PRO A 151 -6.17 4.40 1.40
N VAL A 152 -5.10 3.60 1.48
CA VAL A 152 -3.78 4.08 1.09
C VAL A 152 -3.76 4.44 -0.40
N TRP A 153 -4.43 3.65 -1.24
CA TRP A 153 -4.38 3.94 -2.67
C TRP A 153 -5.03 5.27 -3.01
N ILE A 154 -6.08 5.66 -2.28
CA ILE A 154 -6.74 6.95 -2.51
C ILE A 154 -5.83 8.11 -2.13
N ALA A 155 -5.15 7.99 -0.98
CA ALA A 155 -4.21 9.03 -0.57
C ALA A 155 -3.07 9.18 -1.56
N SER A 156 -2.54 8.05 -2.02
CA SER A 156 -1.49 8.05 -3.04
C SER A 156 -1.96 8.75 -4.29
N ALA A 157 -3.15 8.37 -4.79
CA ALA A 157 -3.70 8.95 -6.01
C ALA A 157 -3.96 10.45 -5.84
N ARG A 158 -4.42 10.86 -4.65
CA ARG A 158 -4.69 12.25 -4.40
C ARG A 158 -3.41 13.07 -4.47
N PHE A 159 -2.36 12.57 -3.81
CA PHE A 159 -1.05 13.20 -3.89
C PHE A 159 -0.60 13.32 -5.33
N LEU A 160 -0.79 12.26 -6.12
CA LEU A 160 -0.34 12.30 -7.52
C LEU A 160 -1.12 13.33 -8.33
N LEU A 161 -2.44 13.40 -8.10
CA LEU A 161 -3.28 14.40 -8.79
C LEU A 161 -2.84 15.80 -8.42
N LEU A 162 -2.49 16.01 -7.15
CA LEU A 162 -1.98 17.30 -6.70
C LEU A 162 -0.68 17.64 -7.42
N LEU A 163 0.21 16.64 -7.54
CA LEU A 163 1.50 16.88 -8.21
C LEU A 163 1.28 17.37 -9.64
N HIS A 164 0.38 16.70 -10.37
CA HIS A 164 0.16 17.10 -11.76
C HIS A 164 -0.55 18.45 -11.87
N ALA A 165 -1.47 18.74 -10.94
CA ALA A 165 -2.13 20.04 -10.97
C ALA A 165 -1.13 21.16 -10.68
N LEU A 166 -0.20 20.92 -9.76
CA LEU A 166 0.84 21.91 -9.46
C LEU A 166 1.76 22.12 -10.65
N ASP A 167 1.99 21.06 -11.44
CA ASP A 167 2.84 21.14 -12.62
C ASP A 167 2.14 21.82 -13.81
N ARG A 168 0.80 21.82 -13.89
CA ARG A 168 0.17 22.45 -15.04
C ARG A 168 -0.59 23.74 -14.75
N ALA A 169 -0.89 24.01 -13.49
CA ALA A 169 -1.60 25.23 -13.12
C ALA A 169 -1.31 25.55 -11.66
N PRO A 170 -0.03 25.74 -11.27
CA PRO A 170 0.29 25.91 -9.85
C PRO A 170 -0.49 27.00 -9.15
N GLU A 171 -0.70 28.17 -9.78
CA GLU A 171 -1.43 29.23 -9.09
C GLU A 171 -2.85 28.79 -8.79
N ARG A 172 -3.50 28.13 -9.74
CA ARG A 172 -4.87 27.68 -9.53
C ARG A 172 -4.95 26.65 -8.41
N VAL A 173 -3.94 25.79 -8.29
CA VAL A 173 -3.92 24.84 -7.17
C VAL A 173 -3.73 25.57 -5.86
N LEU A 174 -2.80 26.53 -5.83
CA LEU A 174 -2.54 27.28 -4.61
C LEU A 174 -3.78 28.05 -4.18
N GLN A 175 -4.58 28.51 -5.16
CA GLN A 175 -5.76 29.30 -4.88
C GLN A 175 -6.93 28.43 -4.42
N LEU A 176 -6.95 27.16 -4.86
CA LEU A 176 -8.01 26.24 -4.47
C LEU A 176 -7.76 25.61 -3.10
N VAL A 177 -6.51 25.32 -2.76
CA VAL A 177 -6.15 24.81 -1.44
C VAL A 177 -5.76 26.01 -0.59
N TRP A 178 -5.78 25.85 0.73
CA TRP A 178 -5.52 26.98 1.67
C TRP A 178 -6.48 28.18 1.49
N THR A 192 7.01 15.54 10.66
CA THR A 192 6.12 16.29 11.56
C THR A 192 5.19 17.23 10.77
N PRO A 193 5.71 18.25 10.07
CA PRO A 193 4.79 19.24 9.47
C PRO A 193 3.99 18.65 8.32
N TRP A 194 2.71 19.06 8.24
CA TRP A 194 1.89 18.62 7.11
C TRP A 194 2.17 19.51 5.91
N LEU A 195 2.24 18.88 4.76
CA LEU A 195 2.46 19.57 3.50
C LEU A 195 1.20 20.27 3.02
N TRP A 196 0.02 19.81 3.45
CA TRP A 196 -1.30 20.31 3.11
C TRP A 196 -2.08 20.87 4.29
N PRO A 197 -3.05 21.74 4.05
CA PRO A 197 -3.90 22.25 5.14
C PRO A 197 -4.84 21.18 5.66
N ALA A 198 -5.28 21.38 6.91
CA ALA A 198 -6.15 20.44 7.62
C ALA A 198 -7.60 20.61 7.20
N LEU A 199 -8.05 19.83 6.21
CA LEU A 199 -9.41 19.93 5.68
C LEU A 199 -10.23 18.65 5.91
N PRO A 200 -11.56 18.76 6.01
CA PRO A 200 -12.40 17.56 6.06
C PRO A 200 -12.41 16.85 4.72
N GLU A 201 -12.96 15.65 4.72
CA GLU A 201 -12.90 14.82 3.51
C GLU A 201 -13.82 15.31 2.41
N THR A 202 -14.94 15.97 2.77
CA THR A 202 -15.86 16.46 1.75
C THR A 202 -15.18 17.52 0.88
N ASP A 203 -14.51 18.48 1.51
CA ASP A 203 -13.77 19.48 0.75
C ASP A 203 -12.64 18.86 -0.05
N TRP A 204 -12.00 17.80 0.47
CA TRP A 204 -11.00 17.07 -0.31
C TRP A 204 -11.62 16.44 -1.54
N ARG A 205 -12.83 15.89 -1.41
CA ARG A 205 -13.52 15.30 -2.55
C ARG A 205 -13.86 16.36 -3.61
N ARG A 206 -14.44 17.48 -3.17
CA ARG A 206 -14.74 18.55 -4.11
C ARG A 206 -13.47 19.04 -4.78
N LEU A 207 -12.37 19.15 -4.03
CA LEU A 207 -11.11 19.59 -4.59
C LEU A 207 -10.61 18.61 -5.65
N GLU A 208 -10.66 17.30 -5.33
CA GLU A 208 -10.30 16.27 -6.31
C GLU A 208 -11.08 16.46 -7.59
N LEU A 209 -12.39 16.69 -7.47
CA LEU A 209 -13.21 16.91 -8.66
C LEU A 209 -12.73 18.15 -9.43
N GLU A 210 -12.47 19.25 -8.72
CA GLU A 210 -12.13 20.51 -9.39
C GLU A 210 -10.75 20.48 -10.06
N LEU A 211 -9.83 19.61 -9.61
CA LEU A 211 -8.45 19.62 -10.08
C LEU A 211 -8.24 18.80 -11.36
N GLN A 212 -9.25 18.72 -12.23
CA GLN A 212 -9.10 18.19 -13.59
C GLN A 212 -8.48 16.79 -13.66
N LEU B 6 -0.67 -2.67 5.85
CA LEU B 6 -2.04 -2.94 5.31
C LEU B 6 -3.09 -3.25 6.39
N TRP B 7 -2.59 -3.67 7.55
CA TRP B 7 -3.36 -3.76 8.79
C TRP B 7 -3.61 -2.38 9.36
N ARG B 8 -3.03 -1.34 8.75
CA ARG B 8 -3.19 0.03 9.20
C ARG B 8 -4.65 0.45 9.20
N GLN B 9 -5.34 0.27 8.09
CA GLN B 9 -6.73 0.65 7.93
C GLN B 9 -7.61 -0.60 7.91
N ARG B 10 -8.92 -0.41 7.98
CA ARG B 10 -9.86 -1.53 7.95
C ARG B 10 -10.17 -1.90 6.50
N LEU B 11 -9.41 -2.83 5.94
CA LEU B 11 -9.66 -3.25 4.57
C LEU B 11 -10.27 -4.66 4.49
N TRP B 12 -10.95 -4.93 3.38
CA TRP B 12 -11.47 -6.27 3.09
C TRP B 12 -10.77 -6.76 1.83
N ILE B 13 -9.99 -7.82 1.99
CA ILE B 13 -9.40 -8.56 0.88
C ILE B 13 -10.38 -9.65 0.50
N VAL B 14 -10.89 -9.63 -0.72
CA VAL B 14 -11.88 -10.61 -1.17
C VAL B 14 -11.26 -11.53 -2.20
N ASP B 15 -11.28 -12.82 -1.94
CA ASP B 15 -10.62 -13.81 -2.80
C ASP B 15 -11.64 -14.90 -3.14
N ASP B 16 -12.01 -14.97 -4.42
CA ASP B 16 -12.96 -16.00 -4.87
C ASP B 16 -12.36 -16.98 -5.88
N ARG B 17 -11.03 -16.99 -6.03
CA ARG B 17 -10.38 -17.80 -7.06
C ARG B 17 -10.64 -19.31 -6.89
N THR B 18 -11.18 -19.73 -5.76
CA THR B 18 -11.56 -21.10 -5.50
C THR B 18 -13.06 -21.21 -5.29
N ALA B 19 -13.83 -20.45 -6.07
CA ALA B 19 -15.28 -20.58 -5.95
C ALA B 19 -15.82 -21.72 -6.80
N TYR B 20 -15.22 -21.98 -7.96
CA TYR B 20 -15.56 -23.12 -8.79
C TYR B 20 -14.46 -24.15 -8.60
N ARG B 21 -14.82 -25.28 -7.99
CA ARG B 21 -13.96 -26.45 -7.91
C ARG B 21 -14.76 -27.63 -8.41
N PRO B 22 -14.25 -28.39 -9.40
CA PRO B 22 -14.99 -29.53 -9.94
C PRO B 22 -15.50 -30.51 -8.89
N HIS B 23 -16.81 -30.73 -8.85
CA HIS B 23 -17.45 -31.76 -8.02
C HIS B 23 -17.04 -31.63 -6.55
N ALA B 24 -16.82 -30.40 -6.10
CA ALA B 24 -16.56 -30.12 -4.70
C ALA B 24 -17.00 -28.68 -4.44
N ASN B 25 -17.47 -28.44 -3.22
CA ASN B 25 -17.85 -27.10 -2.82
C ASN B 25 -16.65 -26.17 -2.87
N GLY B 26 -16.84 -24.98 -3.43
CA GLY B 26 -15.83 -23.94 -3.44
C GLY B 26 -15.89 -23.06 -2.20
N VAL B 27 -15.09 -22.01 -2.21
CA VAL B 27 -15.01 -21.08 -1.08
C VAL B 27 -14.79 -19.68 -1.60
N ILE B 28 -15.40 -18.69 -0.94
CA ILE B 28 -15.05 -17.28 -1.10
C ILE B 28 -14.56 -16.75 0.24
N TRP B 29 -13.34 -16.21 0.25
CA TRP B 29 -12.70 -15.71 1.47
C TRP B 29 -12.81 -14.19 1.53
N ILE B 30 -13.03 -13.67 2.73
CA ILE B 30 -12.90 -12.23 2.97
C ILE B 30 -12.02 -12.02 4.20
N TRP B 31 -10.85 -11.42 4.01
CA TRP B 31 -9.90 -11.11 5.08
C TRP B 31 -10.02 -9.64 5.46
N GLU B 32 -10.38 -9.37 6.72
CA GLU B 32 -10.39 -8.04 7.29
C GLU B 32 -9.04 -7.80 7.95
N THR B 33 -8.25 -6.93 7.32
CA THR B 33 -6.83 -6.78 7.63
C THR B 33 -6.60 -6.24 9.04
N SER B 34 -7.28 -5.15 9.40
CA SER B 34 -6.99 -4.47 10.66
C SER B 34 -7.31 -5.35 11.86
N THR B 35 -8.33 -6.19 11.77
CA THR B 35 -8.74 -7.02 12.90
C THR B 35 -8.38 -8.50 12.76
N GLY B 36 -8.20 -8.99 11.54
CA GLY B 36 -7.94 -10.40 11.33
C GLY B 36 -9.15 -11.22 10.95
N ARG B 37 -10.26 -10.59 10.61
CA ARG B 37 -11.52 -11.30 10.50
C ARG B 37 -11.59 -12.10 9.20
N LEU B 38 -12.00 -13.35 9.29
CA LEU B 38 -12.08 -14.22 8.12
C LEU B 38 -13.53 -14.63 7.88
N PHE B 39 -14.05 -14.32 6.70
CA PHE B 39 -15.37 -14.80 6.27
C PHE B 39 -15.13 -15.93 5.30
N VAL B 40 -15.47 -17.16 5.71
CA VAL B 40 -15.46 -18.30 4.83
C VAL B 40 -16.90 -18.46 4.33
N LYS B 41 -17.10 -18.31 3.03
CA LYS B 41 -18.39 -18.58 2.40
C LYS B 41 -18.21 -19.84 1.59
N ILE B 42 -18.75 -20.95 2.08
CA ILE B 42 -18.63 -22.19 1.33
C ILE B 42 -19.67 -22.16 0.22
N VAL B 43 -19.21 -22.25 -1.02
CA VAL B 43 -20.06 -22.22 -2.21
C VAL B 43 -20.43 -23.66 -2.58
N HIS B 44 -21.71 -24.02 -2.43
CA HIS B 44 -22.14 -25.37 -2.78
C HIS B 44 -22.08 -25.57 -4.29
N ARG B 45 -21.87 -26.84 -4.70
CA ARG B 45 -21.68 -27.20 -6.10
C ARG B 45 -22.90 -26.94 -6.97
N THR B 46 -24.09 -26.86 -6.39
CA THR B 46 -25.29 -26.61 -7.17
C THR B 46 -25.24 -25.26 -7.87
N THR B 47 -24.44 -24.33 -7.36
CA THR B 47 -24.23 -23.02 -7.97
C THR B 47 -23.98 -23.09 -9.48
N TRP B 48 -23.18 -24.06 -9.93
CA TRP B 48 -22.71 -24.16 -11.31
C TRP B 48 -23.63 -24.99 -12.22
N ALA B 49 -24.69 -25.58 -11.68
CA ALA B 49 -25.63 -26.32 -12.51
C ALA B 49 -26.17 -25.44 -13.63
N GLY B 50 -26.18 -25.98 -14.84
CA GLY B 50 -26.68 -25.27 -16.00
C GLY B 50 -25.76 -24.13 -16.42
N ALA B 55 -19.25 -18.70 -15.28
CA ALA B 55 -18.39 -17.52 -15.26
C ALA B 55 -19.15 -16.23 -14.91
N GLN B 56 -20.28 -16.00 -15.58
CA GLN B 56 -21.17 -14.93 -15.15
C GLN B 56 -21.55 -15.16 -13.70
N LEU B 57 -21.82 -16.42 -13.35
CA LEU B 57 -22.23 -16.75 -12.00
C LEU B 57 -21.14 -16.43 -10.99
N ALA B 58 -19.89 -16.78 -11.29
CA ALA B 58 -18.87 -16.59 -10.27
C ALA B 58 -18.72 -15.12 -9.93
N LYS B 59 -18.57 -14.27 -10.95
CA LYS B 59 -18.38 -12.84 -10.68
C LYS B 59 -19.59 -12.23 -10.00
N TRP B 60 -20.80 -12.57 -10.47
CA TRP B 60 -21.97 -11.93 -9.91
C TRP B 60 -22.31 -12.45 -8.52
N LYS B 61 -22.16 -13.76 -8.30
CA LYS B 61 -22.36 -14.37 -6.98
C LYS B 61 -21.36 -13.81 -5.98
N CYS B 62 -20.13 -13.57 -6.41
CA CYS B 62 -19.16 -12.98 -5.49
C CYS B 62 -19.54 -11.55 -5.16
N ALA B 63 -19.89 -10.75 -6.17
CA ALA B 63 -20.27 -9.37 -5.91
C ALA B 63 -21.42 -9.30 -4.92
N GLU B 64 -22.45 -10.12 -5.16
CA GLU B 64 -23.61 -10.17 -4.27
C GLU B 64 -23.23 -10.57 -2.88
N HIS B 65 -22.25 -11.48 -2.75
CA HIS B 65 -21.84 -11.87 -1.42
C HIS B 65 -21.18 -10.71 -0.67
N VAL B 66 -20.29 -9.96 -1.36
CA VAL B 66 -19.71 -8.80 -0.72
C VAL B 66 -20.80 -7.87 -0.24
N LEU B 67 -21.79 -7.63 -1.10
CA LEU B 67 -22.90 -6.77 -0.69
C LEU B 67 -23.62 -7.30 0.55
N THR B 68 -23.85 -8.61 0.62
CA THR B 68 -24.56 -9.18 1.76
C THR B 68 -23.75 -9.00 3.05
N MET B 69 -22.44 -9.27 2.98
CA MET B 69 -21.59 -9.12 4.16
C MET B 69 -21.49 -7.67 4.59
N LEU B 70 -21.50 -6.74 3.63
CA LEU B 70 -21.57 -5.32 3.98
C LEU B 70 -22.86 -5.00 4.71
N ARG B 71 -24.01 -5.46 4.18
CA ARG B 71 -25.28 -5.16 4.81
C ARG B 71 -25.35 -5.70 6.23
N SER B 72 -24.65 -6.79 6.50
CA SER B 72 -24.67 -7.36 7.84
C SER B 72 -23.70 -6.68 8.79
N GLN B 73 -22.95 -5.68 8.32
CA GLN B 73 -22.03 -5.03 9.27
C GLN B 73 -22.63 -3.75 9.82
N PRO B 74 -22.36 -3.48 11.10
CA PRO B 74 -22.71 -2.18 11.64
C PRO B 74 -21.88 -1.12 10.94
N THR B 75 -22.40 0.11 10.97
CA THR B 75 -21.74 1.21 10.29
C THR B 75 -20.36 1.51 10.90
N GLU B 76 -20.20 1.22 12.20
CA GLU B 76 -18.93 1.44 12.90
C GLU B 76 -17.83 0.51 12.41
N GLU B 77 -18.19 -0.61 11.80
CA GLU B 77 -17.22 -1.65 11.43
C GLU B 77 -17.15 -1.88 9.93
N LEU B 78 -17.65 -0.94 9.13
CA LEU B 78 -17.57 -1.10 7.70
C LEU B 78 -16.13 -0.95 7.23
N PRO B 79 -15.72 -1.71 6.21
CA PRO B 79 -14.33 -1.61 5.75
C PRO B 79 -14.10 -0.23 5.16
N ARG B 80 -12.89 0.28 5.33
CA ARG B 80 -12.62 1.56 4.69
C ARG B 80 -12.31 1.40 3.21
N GLY B 81 -11.99 0.18 2.78
CA GLY B 81 -11.75 -0.08 1.37
C GLY B 81 -11.85 -1.56 1.09
N ILE B 82 -12.14 -1.88 -0.17
CA ILE B 82 -12.34 -3.26 -0.58
C ILE B 82 -11.36 -3.56 -1.71
N VAL B 83 -10.61 -4.66 -1.56
CA VAL B 83 -9.65 -5.16 -2.54
C VAL B 83 -10.15 -6.51 -3.06
N LEU B 84 -10.45 -6.60 -4.36
CA LEU B 84 -10.91 -7.85 -4.98
C LEU B 84 -9.76 -8.50 -5.72
N ALA B 85 -9.62 -9.83 -5.57
CA ALA B 85 -8.50 -10.51 -6.23
C ALA B 85 -8.72 -10.59 -7.73
N GLN B 86 -9.97 -10.68 -8.18
CA GLN B 86 -10.28 -10.78 -9.61
C GLN B 86 -11.04 -9.55 -10.06
N THR B 87 -10.55 -8.93 -11.14
CA THR B 87 -11.10 -7.67 -11.63
C THR B 87 -12.44 -7.86 -12.33
N ALA B 88 -12.78 -9.09 -12.73
CA ALA B 88 -13.98 -9.32 -13.53
C ALA B 88 -15.26 -8.95 -12.79
N SER B 89 -15.26 -9.01 -11.46
CA SER B 89 -16.45 -8.69 -10.70
C SER B 89 -16.42 -7.29 -10.11
N MET B 90 -15.51 -6.43 -10.57
CA MET B 90 -15.47 -5.07 -10.04
C MET B 90 -16.63 -4.23 -10.58
N ASP B 91 -16.91 -4.32 -11.88
CA ASP B 91 -18.10 -3.65 -12.41
C ASP B 91 -19.37 -4.18 -11.75
N PRO B 92 -19.61 -5.50 -11.63
CA PRO B 92 -20.81 -5.95 -10.91
C PRO B 92 -20.91 -5.44 -9.48
N LEU B 93 -19.82 -5.49 -8.70
CA LEU B 93 -19.84 -4.93 -7.36
C LEU B 93 -20.30 -3.47 -7.39
N LYS B 94 -19.63 -2.63 -8.19
CA LYS B 94 -20.07 -1.26 -8.36
C LYS B 94 -21.56 -1.21 -8.66
N THR B 95 -22.01 -2.04 -9.60
CA THR B 95 -23.39 -2.03 -10.03
C THR B 95 -24.33 -2.41 -8.91
N LEU B 96 -23.95 -3.37 -8.08
CA LEU B 96 -24.84 -3.71 -7.00
C LEU B 96 -24.81 -2.69 -5.88
N LEU B 97 -23.77 -1.85 -5.82
CA LEU B 97 -23.65 -0.92 -4.69
C LEU B 97 -24.21 0.46 -5.00
N ALA B 98 -24.45 0.78 -6.27
CA ALA B 98 -25.07 2.04 -6.61
C ALA B 98 -26.38 2.19 -5.85
N GLY B 99 -26.66 3.40 -5.40
CA GLY B 99 -27.89 3.68 -4.68
C GLY B 99 -27.95 3.22 -3.24
N THR B 100 -26.93 2.55 -2.72
CA THR B 100 -26.91 2.06 -1.34
C THR B 100 -25.96 2.94 -0.54
N GLU B 101 -25.98 2.75 0.79
CA GLU B 101 -25.05 3.49 1.65
C GLU B 101 -23.58 3.10 1.44
N TYR B 102 -23.30 1.99 0.78
CA TYR B 102 -21.96 1.44 0.57
C TYR B 102 -21.32 1.86 -0.76
N ALA B 103 -21.99 2.71 -1.55
CA ALA B 103 -21.44 3.20 -2.82
C ALA B 103 -20.18 4.08 -2.67
N LYS B 104 -19.90 4.64 -1.51
CA LYS B 104 -18.69 5.45 -1.37
C LYS B 104 -17.59 4.75 -0.59
N ILE B 105 -17.56 3.42 -0.60
CA ILE B 105 -16.43 2.65 -0.17
C ILE B 105 -15.53 2.39 -1.39
N PRO B 106 -14.32 2.93 -1.43
CA PRO B 106 -13.47 2.71 -2.60
C PRO B 106 -13.15 1.23 -2.77
N VAL B 107 -13.33 0.73 -4.00
CA VAL B 107 -13.06 -0.67 -4.32
C VAL B 107 -11.99 -0.72 -5.41
N ARG B 108 -11.02 -1.60 -5.23
CA ARG B 108 -9.94 -1.74 -6.18
C ARG B 108 -9.68 -3.23 -6.40
N ALA B 109 -9.10 -3.57 -7.54
CA ALA B 109 -8.78 -4.97 -7.80
C ALA B 109 -7.29 -5.25 -7.51
N GLY B 110 -6.83 -6.46 -7.87
CA GLY B 110 -5.43 -6.81 -7.73
C GLY B 110 -5.09 -7.25 -6.32
N ALA B 111 -5.20 -8.54 -6.02
CA ALA B 111 -4.86 -8.99 -4.68
C ALA B 111 -4.07 -10.30 -4.64
N ALA B 112 -3.67 -10.85 -5.78
CA ALA B 112 -2.97 -12.13 -5.82
C ALA B 112 -1.80 -12.20 -4.84
N ALA B 113 -1.09 -11.08 -4.65
CA ALA B 113 0.06 -11.03 -3.74
C ALA B 113 -0.25 -11.59 -2.36
N MET B 114 -1.54 -11.70 -2.02
CA MET B 114 -2.00 -12.28 -0.76
C MET B 114 -2.72 -13.58 -1.10
N PRO B 115 -2.10 -14.72 -0.92
CA PRO B 115 -2.70 -16.01 -1.30
C PRO B 115 -3.61 -16.53 -0.21
N LEU B 116 -4.75 -15.87 -0.07
CA LEU B 116 -5.72 -16.26 0.94
C LEU B 116 -6.26 -17.66 0.67
N GLN B 117 -6.35 -18.03 -0.61
CA GLN B 117 -6.86 -19.33 -0.99
C GLN B 117 -6.03 -20.47 -0.42
N ALA B 118 -4.76 -20.22 -0.05
CA ALA B 118 -3.98 -21.28 0.58
C ALA B 118 -4.62 -21.78 1.86
N LEU B 119 -5.56 -21.01 2.42
CA LEU B 119 -6.27 -21.47 3.61
C LEU B 119 -7.14 -22.69 3.34
N MET B 120 -7.51 -22.95 2.09
CA MET B 120 -8.21 -24.18 1.79
C MET B 120 -7.38 -25.41 2.10
N ALA B 121 -6.08 -25.25 2.31
CA ALA B 121 -5.19 -26.34 2.63
C ALA B 121 -5.16 -26.71 4.10
N LEU B 122 -5.77 -25.94 4.99
CA LEU B 122 -5.85 -26.33 6.40
C LEU B 122 -6.93 -27.39 6.57
N PRO B 123 -6.65 -28.50 7.27
CA PRO B 123 -7.58 -29.65 7.23
C PRO B 123 -8.98 -29.33 7.72
N GLU B 124 -9.10 -28.43 8.70
CA GLU B 124 -10.42 -28.05 9.18
C GLU B 124 -11.25 -27.43 8.07
N ILE B 125 -10.65 -26.53 7.30
CA ILE B 125 -11.36 -25.87 6.21
C ILE B 125 -11.66 -26.85 5.09
N ARG B 126 -10.67 -27.67 4.73
CA ARG B 126 -10.85 -28.69 3.70
C ARG B 126 -12.05 -29.58 4.03
N ASP B 127 -12.11 -30.08 5.27
CA ASP B 127 -13.15 -31.01 5.65
C ASP B 127 -14.51 -30.31 5.85
N ARG B 128 -14.51 -29.13 6.47
CA ARG B 128 -15.76 -28.39 6.63
C ARG B 128 -16.32 -27.97 5.29
N THR B 129 -15.44 -27.77 4.30
CA THR B 129 -15.87 -27.36 2.97
C THR B 129 -16.42 -28.55 2.20
N GLN B 130 -15.66 -29.65 2.18
CA GLN B 130 -16.05 -30.81 1.39
C GLN B 130 -17.36 -31.42 1.88
N THR B 131 -17.55 -31.50 3.20
CA THR B 131 -18.75 -32.11 3.80
C THR B 131 -19.95 -31.19 3.88
N ALA B 132 -19.85 -29.95 3.42
CA ALA B 132 -20.98 -29.03 3.52
C ALA B 132 -22.18 -29.52 2.73
N ARG B 133 -23.38 -29.22 3.25
CA ARG B 133 -24.63 -29.49 2.57
C ARG B 133 -25.38 -28.23 2.16
N SER B 134 -25.10 -27.10 2.78
CA SER B 134 -25.62 -25.79 2.38
C SER B 134 -24.43 -24.94 1.97
N SER B 135 -24.70 -23.69 1.55
CA SER B 135 -23.60 -22.75 1.30
C SER B 135 -23.27 -21.97 2.58
N GLU B 136 -22.68 -22.67 3.54
CA GLU B 136 -22.60 -22.11 4.87
C GLU B 136 -21.53 -21.05 4.99
N LEU B 137 -21.86 -20.00 5.72
CA LEU B 137 -20.93 -18.96 6.10
C LEU B 137 -20.42 -19.27 7.50
N SER B 138 -19.10 -19.23 7.67
CA SER B 138 -18.47 -19.32 8.98
C SER B 138 -17.49 -18.16 9.13
N ILE B 139 -17.31 -17.70 10.36
CA ILE B 139 -16.48 -16.54 10.64
C ILE B 139 -15.38 -16.99 11.58
N TRP B 140 -14.13 -16.77 11.18
CA TRP B 140 -12.97 -17.18 11.94
C TRP B 140 -12.12 -15.97 12.36
N SER B 141 -11.37 -16.16 13.44
CA SER B 141 -10.41 -15.17 13.90
C SER B 141 -9.07 -15.60 13.35
N GLY B 142 -8.64 -14.95 12.26
CA GLY B 142 -7.40 -15.36 11.64
C GLY B 142 -6.18 -14.97 12.42
N TYR B 143 -6.34 -14.18 13.50
CA TYR B 143 -5.26 -13.82 14.39
C TYR B 143 -5.40 -14.51 15.73
N ALA B 144 -6.31 -15.49 15.82
CA ALA B 144 -6.52 -16.34 17.01
C ALA B 144 -6.79 -15.46 18.22
N ASP B 145 -5.96 -15.51 19.28
CA ASP B 145 -6.03 -14.58 20.40
C ASP B 145 -4.68 -13.87 20.55
N TRP B 146 -3.94 -13.75 19.45
CA TRP B 146 -2.62 -13.13 19.48
C TRP B 146 -2.71 -11.67 19.91
N LEU B 147 -3.76 -10.96 19.46
CA LEU B 147 -3.92 -9.56 19.82
C LEU B 147 -4.12 -9.37 21.32
N GLU B 148 -4.32 -10.45 22.07
CA GLU B 148 -4.31 -10.33 23.51
C GLU B 148 -2.88 -10.12 24.03
N HIS B 149 -1.88 -10.50 23.25
CA HIS B 149 -0.51 -10.56 23.73
C HIS B 149 0.49 -9.76 22.92
N VAL B 150 0.24 -9.49 21.63
CA VAL B 150 1.17 -8.84 20.72
C VAL B 150 0.49 -7.67 20.00
N PRO B 151 1.24 -6.77 19.38
CA PRO B 151 0.61 -5.71 18.58
C PRO B 151 0.03 -6.24 17.28
N VAL B 152 -0.74 -5.37 16.63
CA VAL B 152 -1.45 -5.72 15.41
C VAL B 152 -0.46 -6.01 14.29
N TRP B 153 0.62 -5.23 14.18
CA TRP B 153 1.57 -5.46 13.09
C TRP B 153 2.21 -6.83 13.23
N ILE B 154 2.42 -7.30 14.46
CA ILE B 154 3.00 -8.61 14.66
C ILE B 154 2.06 -9.69 14.15
N ALA B 155 0.78 -9.60 14.51
CA ALA B 155 -0.20 -10.60 14.08
C ALA B 155 -0.38 -10.59 12.57
N SER B 156 -0.44 -9.39 11.96
CA SER B 156 -0.56 -9.31 10.51
C SER B 156 0.63 -9.98 9.81
N ALA B 157 1.85 -9.67 10.25
CA ALA B 157 3.03 -10.29 9.64
C ALA B 157 2.99 -11.80 9.79
N ARG B 158 2.49 -12.27 10.95
CA ARG B 158 2.40 -13.70 11.23
C ARG B 158 1.41 -14.38 10.28
N PHE B 159 0.23 -13.80 10.15
CA PHE B 159 -0.78 -14.30 9.23
C PHE B 159 -0.24 -14.38 7.81
N LEU B 160 0.44 -13.32 7.34
CA LEU B 160 0.87 -13.36 5.95
C LEU B 160 1.94 -14.42 5.73
N LEU B 161 2.88 -14.54 6.67
CA LEU B 161 3.92 -15.55 6.52
C LEU B 161 3.30 -16.93 6.49
N LEU B 162 2.26 -17.16 7.30
CA LEU B 162 1.57 -18.44 7.24
C LEU B 162 0.93 -18.67 5.88
N LEU B 163 0.27 -17.64 5.33
CA LEU B 163 -0.36 -17.80 4.02
C LEU B 163 0.65 -18.19 2.96
N HIS B 164 1.81 -17.55 2.96
CA HIS B 164 2.80 -17.81 1.91
C HIS B 164 3.45 -19.18 2.08
N ALA B 165 3.67 -19.58 3.34
CA ALA B 165 4.22 -20.91 3.60
C ALA B 165 3.22 -21.99 3.19
N LEU B 166 1.92 -21.74 3.37
CA LEU B 166 0.91 -22.67 2.86
C LEU B 166 0.81 -22.63 1.35
N ASP B 167 1.07 -21.48 0.73
CA ASP B 167 0.93 -21.39 -0.72
C ASP B 167 2.02 -22.15 -1.46
N ARG B 168 3.24 -22.22 -0.90
CA ARG B 168 4.29 -22.96 -1.61
C ARG B 168 4.83 -24.21 -0.91
N ALA B 169 4.46 -24.47 0.34
CA ALA B 169 4.90 -25.69 1.01
C ALA B 169 3.87 -26.11 2.04
N PRO B 170 2.63 -26.39 1.59
CA PRO B 170 1.53 -26.67 2.53
C PRO B 170 1.82 -27.80 3.51
N GLU B 171 2.44 -28.88 3.01
CA GLU B 171 2.63 -30.09 3.80
C GLU B 171 3.58 -29.86 4.98
N ARG B 172 4.75 -29.27 4.70
CA ARG B 172 5.67 -29.00 5.80
C ARG B 172 5.08 -28.02 6.80
N VAL B 173 4.26 -27.07 6.34
CA VAL B 173 3.63 -26.16 7.29
C VAL B 173 2.66 -26.94 8.17
N LEU B 174 1.88 -27.85 7.58
CA LEU B 174 0.92 -28.62 8.36
C LEU B 174 1.60 -29.47 9.43
N GLN B 175 2.80 -29.99 9.12
CA GLN B 175 3.56 -30.70 10.16
C GLN B 175 4.26 -29.78 11.13
N LEU B 176 4.52 -28.53 10.73
CA LEU B 176 5.18 -27.58 11.62
C LEU B 176 4.23 -27.08 12.69
N VAL B 177 2.96 -26.94 12.35
CA VAL B 177 1.93 -26.57 13.31
C VAL B 177 1.26 -27.84 13.82
N TRP B 178 0.65 -27.73 14.98
CA TRP B 178 -0.03 -28.86 15.64
C TRP B 178 0.90 -30.07 15.87
N TRP B 194 -10.47 -21.94 17.76
CA TRP B 194 -9.63 -21.07 16.92
C TRP B 194 -9.07 -21.81 15.69
N LEU B 195 -8.86 -21.05 14.62
CA LEU B 195 -8.30 -21.57 13.37
C LEU B 195 -6.84 -21.98 13.51
N TRP B 196 -6.08 -21.32 14.38
CA TRP B 196 -4.72 -21.73 14.61
C TRP B 196 -4.64 -22.33 16.01
N PRO B 197 -3.66 -23.17 16.28
CA PRO B 197 -3.57 -23.77 17.62
C PRO B 197 -3.22 -22.76 18.69
N ALA B 198 -3.64 -23.08 19.92
CA ALA B 198 -3.43 -22.23 21.10
C ALA B 198 -2.02 -22.48 21.63
N LEU B 199 -1.09 -21.67 21.15
CA LEU B 199 0.28 -21.87 21.56
C LEU B 199 0.73 -20.66 22.35
N PRO B 200 1.66 -20.84 23.27
CA PRO B 200 2.27 -19.67 23.93
C PRO B 200 3.13 -18.92 22.93
N GLU B 201 3.55 -17.73 23.34
CA GLU B 201 4.24 -16.86 22.40
C GLU B 201 5.67 -17.32 22.12
N THR B 202 6.33 -18.01 23.05
CA THR B 202 7.69 -18.47 22.79
C THR B 202 7.72 -19.47 21.63
N ASP B 203 6.88 -20.50 21.70
CA ASP B 203 6.80 -21.44 20.59
C ASP B 203 6.36 -20.74 19.33
N TRP B 204 5.51 -19.73 19.46
CA TRP B 204 5.11 -18.95 18.30
C TRP B 204 6.32 -18.29 17.63
N ARG B 205 7.23 -17.69 18.40
CA ARG B 205 8.39 -17.06 17.76
C ARG B 205 9.30 -18.11 17.14
N ARG B 206 9.49 -19.25 17.82
CA ARG B 206 10.33 -20.31 17.29
C ARG B 206 9.81 -20.77 15.93
N LEU B 207 8.51 -21.06 15.87
CA LEU B 207 7.88 -21.51 14.62
C LEU B 207 7.90 -20.41 13.56
N GLU B 208 7.62 -19.16 13.97
CA GLU B 208 7.70 -18.02 13.04
C GLU B 208 9.05 -18.03 12.35
N LEU B 209 10.12 -18.20 13.15
CA LEU B 209 11.46 -18.29 12.58
C LEU B 209 11.57 -19.45 11.61
N GLU B 210 10.95 -20.58 11.93
CA GLU B 210 11.18 -21.79 11.12
C GLU B 210 10.82 -21.59 9.64
N LEU B 211 9.99 -20.62 9.31
CA LEU B 211 9.54 -20.47 7.93
C LEU B 211 10.53 -19.63 7.10
C1 BME C . 16.85 11.42 -8.69
C2 BME C . 18.07 10.59 -9.06
O1 BME C . 16.34 11.87 -9.92
S2 BME C . 19.15 10.19 -7.66
C1 BME D . -13.35 -11.58 -5.45
C2 BME D . -14.38 -10.66 -6.08
O1 BME D . -12.46 -11.98 -6.46
S2 BME D . -15.94 -10.53 -5.18
#